data_5K21
#
_entry.id   5K21
#
_cell.length_a   65.330
_cell.length_b   72.980
_cell.length_c   79.700
_cell.angle_alpha   90.00
_cell.angle_beta   90.00
_cell.angle_gamma   90.00
#
_symmetry.space_group_name_H-M   'P 21 21 21'
#
loop_
_entity.id
_entity.type
_entity.pdbx_description
1 polymer 'Pyocyanin demethylase'
2 non-polymer phenazin-1-ol
3 non-polymer 'CALCIUM ION'
4 water water
#
_entity_poly.entity_id   1
_entity_poly.type   'polypeptide(L)'
_entity_poly.pdbx_seq_one_letter_code
;MDGRGGRSTTEPVTMTLDVKNDQVAKHDFGKPGMDVGDMDIFSDILSVDGKQVGYDGGACFFTNVTPDNPMTYCELTIHL
DAGEIFARSLTPHTLAPFTMAITGGTGEYANSKGELTVSGVATPDEKYELKLTKAENLYFQ
;
_entity_poly.pdbx_strand_id   A,B,C
#
# COMPACT_ATOMS: atom_id res chain seq x y z
N VAL A 13 -9.71 -4.83 -23.51
CA VAL A 13 -10.05 -6.12 -22.93
C VAL A 13 -10.82 -5.95 -21.63
N THR A 14 -11.99 -6.59 -21.57
CA THR A 14 -12.82 -6.57 -20.38
C THR A 14 -12.90 -7.95 -19.75
N MET A 15 -13.22 -7.96 -18.46
CA MET A 15 -13.33 -9.20 -17.70
C MET A 15 -14.26 -8.93 -16.53
N THR A 16 -15.20 -9.85 -16.29
CA THR A 16 -16.16 -9.76 -15.19
C THR A 16 -15.97 -10.94 -14.24
N LEU A 17 -15.62 -10.65 -12.99
CA LEU A 17 -15.41 -11.67 -11.97
C LEU A 17 -16.50 -11.59 -10.91
N ASP A 18 -17.07 -12.74 -10.57
CA ASP A 18 -17.96 -12.83 -9.42
C ASP A 18 -17.15 -13.01 -8.14
N VAL A 19 -17.53 -12.27 -7.11
CA VAL A 19 -16.73 -12.09 -5.91
C VAL A 19 -17.52 -12.58 -4.72
N LYS A 20 -16.95 -13.54 -3.98
CA LYS A 20 -17.55 -14.05 -2.76
C LYS A 20 -16.63 -13.71 -1.60
N ASN A 21 -17.11 -12.92 -0.65
CA ASN A 21 -16.32 -12.59 0.52
C ASN A 21 -15.90 -13.89 1.21
N ASP A 22 -14.62 -13.97 1.58
CA ASP A 22 -14.11 -15.18 2.21
C ASP A 22 -13.94 -14.94 3.70
N GLN A 23 -12.96 -14.14 4.06
CA GLN A 23 -12.80 -13.71 5.44
C GLN A 23 -12.70 -12.20 5.42
N VAL A 24 -13.27 -11.57 6.44
CA VAL A 24 -13.31 -10.13 6.52
C VAL A 24 -13.13 -9.72 7.96
N ALA A 25 -12.31 -8.70 8.18
CA ALA A 25 -12.18 -8.05 9.47
C ALA A 25 -12.52 -6.59 9.27
N LYS A 26 -13.48 -6.08 10.04
CA LYS A 26 -13.82 -4.67 10.02
C LYS A 26 -13.36 -4.07 11.34
N HIS A 27 -12.25 -3.36 11.32
CA HIS A 27 -11.69 -2.79 12.54
C HIS A 27 -12.31 -1.42 12.77
N ASP A 28 -13.03 -1.30 13.86
CA ASP A 28 -13.62 -0.06 14.31
C ASP A 28 -12.76 0.48 15.44
N PHE A 29 -11.80 1.32 15.09
CA PHE A 29 -10.95 1.98 16.06
C PHE A 29 -11.53 3.34 16.41
N GLY A 30 -10.92 3.96 17.41
CA GLY A 30 -11.26 5.35 17.73
C GLY A 30 -12.72 5.47 18.13
N LYS A 31 -13.38 6.47 17.56
CA LYS A 31 -14.79 6.67 17.88
C LYS A 31 -15.60 5.51 17.30
N PRO A 32 -16.56 4.97 18.04
CA PRO A 32 -17.40 3.91 17.48
C PRO A 32 -18.07 4.38 16.21
N GLY A 33 -18.26 3.45 15.28
CA GLY A 33 -18.75 3.82 13.98
C GLY A 33 -17.63 4.28 13.08
N MET A 34 -17.97 4.47 11.81
CA MET A 34 -16.96 4.83 10.82
C MET A 34 -16.38 6.20 11.11
N ASP A 35 -15.06 6.26 11.18
CA ASP A 35 -14.36 7.53 11.28
C ASP A 35 -12.96 7.32 10.76
N VAL A 36 -12.25 8.42 10.55
CA VAL A 36 -10.91 8.34 10.02
C VAL A 36 -10.10 7.37 10.85
N GLY A 37 -9.40 6.46 10.17
CA GLY A 37 -8.51 5.52 10.80
C GLY A 37 -9.06 4.11 10.93
N ASP A 38 -10.35 3.93 10.71
CA ASP A 38 -10.87 2.57 10.70
C ASP A 38 -10.32 1.85 9.48
N MET A 39 -10.38 0.54 9.50
CA MET A 39 -9.79 -0.20 8.40
C MET A 39 -10.47 -1.54 8.27
N ASP A 40 -10.67 -1.96 7.03
CA ASP A 40 -11.22 -3.26 6.70
C ASP A 40 -10.15 -4.04 5.94
N ILE A 41 -10.00 -5.30 6.34
CA ILE A 41 -9.05 -6.22 5.72
C ILE A 41 -9.84 -7.45 5.28
N PHE A 42 -9.61 -7.89 4.04
CA PHE A 42 -10.51 -8.89 3.48
C PHE A 42 -9.81 -9.76 2.46
N SER A 43 -10.45 -10.90 2.21
CA SER A 43 -10.09 -11.81 1.13
C SER A 43 -11.37 -12.28 0.49
N ASP A 44 -11.27 -12.64 -0.80
CA ASP A 44 -12.41 -13.08 -1.57
C ASP A 44 -12.01 -14.26 -2.43
N ILE A 45 -13.02 -15.02 -2.81
CA ILE A 45 -12.89 -16.05 -3.83
C ILE A 45 -13.47 -15.47 -5.11
N LEU A 46 -12.75 -15.62 -6.22
CA LEU A 46 -13.17 -15.11 -7.51
C LEU A 46 -13.61 -16.26 -8.39
N SER A 47 -14.72 -16.07 -9.09
CA SER A 47 -15.27 -17.13 -9.92
C SER A 47 -15.80 -16.54 -11.22
N VAL A 48 -15.85 -17.40 -12.22
CA VAL A 48 -16.51 -17.10 -13.49
C VAL A 48 -17.35 -18.32 -13.82
N ASP A 49 -18.63 -18.08 -14.15
CA ASP A 49 -19.53 -19.16 -14.53
C ASP A 49 -19.59 -20.23 -13.44
N GLY A 50 -19.51 -19.80 -12.19
CA GLY A 50 -19.63 -20.70 -11.05
C GLY A 50 -18.38 -21.48 -10.72
N LYS A 51 -17.28 -21.25 -11.43
CA LYS A 51 -16.03 -21.95 -11.18
C LYS A 51 -15.00 -20.96 -10.62
N GLN A 52 -14.33 -21.36 -9.55
CA GLN A 52 -13.30 -20.53 -8.96
C GLN A 52 -12.16 -20.33 -9.97
N VAL A 53 -11.79 -19.07 -10.18
CA VAL A 53 -10.66 -18.73 -11.04
C VAL A 53 -9.53 -18.07 -10.29
N GLY A 54 -9.71 -17.77 -9.01
CA GLY A 54 -8.65 -17.17 -8.24
C GLY A 54 -9.18 -16.63 -6.92
N TYR A 55 -8.41 -15.71 -6.36
CA TYR A 55 -8.74 -15.15 -5.06
C TYR A 55 -8.13 -13.76 -5.00
N ASP A 56 -8.46 -13.03 -3.95
CA ASP A 56 -7.87 -11.71 -3.80
C ASP A 56 -7.72 -11.42 -2.34
N GLY A 57 -7.02 -10.33 -2.08
CA GLY A 57 -6.88 -9.83 -0.73
C GLY A 57 -6.64 -8.35 -0.80
N GLY A 58 -7.13 -7.64 0.21
CA GLY A 58 -7.01 -6.20 0.16
C GLY A 58 -7.18 -5.59 1.54
N ALA A 59 -6.99 -4.29 1.57
CA ALA A 59 -7.16 -3.52 2.80
C ALA A 59 -7.67 -2.15 2.40
N CYS A 60 -8.61 -1.64 3.17
CA CYS A 60 -9.16 -0.31 3.00
C CYS A 60 -8.94 0.49 4.28
N PHE A 61 -8.48 1.72 4.13
CA PHE A 61 -8.29 2.63 5.24
C PHE A 61 -9.24 3.81 5.07
N PHE A 62 -10.03 4.09 6.09
CA PHE A 62 -10.95 5.23 6.03
C PHE A 62 -10.16 6.51 6.25
N THR A 63 -10.03 7.31 5.19
CA THR A 63 -9.23 8.51 5.27
C THR A 63 -10.03 9.74 5.63
N ASN A 64 -11.33 9.72 5.36
CA ASN A 64 -12.18 10.89 5.58
C ASN A 64 -13.62 10.40 5.65
N VAL A 65 -14.31 10.72 6.73
CA VAL A 65 -15.70 10.29 6.91
C VAL A 65 -16.50 11.52 7.26
N THR A 66 -17.49 11.81 6.46
CA THR A 66 -18.52 12.78 6.78
C THR A 66 -19.87 12.05 6.76
N PRO A 67 -20.95 12.66 7.26
CA PRO A 67 -22.23 11.94 7.22
C PRO A 67 -22.65 11.55 5.82
N ASP A 68 -22.18 12.26 4.81
CA ASP A 68 -22.51 12.01 3.40
C ASP A 68 -21.59 11.00 2.71
N ASN A 69 -20.35 10.83 3.17
CA ASN A 69 -19.38 10.11 2.36
C ASN A 69 -18.29 9.50 3.22
N PRO A 70 -18.16 8.17 3.26
CA PRO A 70 -17.00 7.57 3.91
C PRO A 70 -15.93 7.27 2.87
N MET A 71 -14.87 8.05 2.86
CA MET A 71 -13.81 7.90 1.87
C MET A 71 -12.79 6.89 2.36
N THR A 72 -12.41 5.95 1.48
CA THR A 72 -11.40 4.94 1.82
C THR A 72 -10.30 4.95 0.78
N TYR A 73 -9.07 4.78 1.26
CA TYR A 73 -7.95 4.38 0.44
C TYR A 73 -7.91 2.85 0.46
N CYS A 74 -8.14 2.22 -0.69
CA CYS A 74 -8.16 0.77 -0.79
C CYS A 74 -7.06 0.29 -1.71
N GLU A 75 -6.47 -0.84 -1.33
CA GLU A 75 -5.50 -1.57 -2.10
C GLU A 75 -6.02 -2.98 -2.28
N LEU A 76 -5.89 -3.49 -3.50
CA LEU A 76 -6.41 -4.81 -3.83
C LEU A 76 -5.39 -5.53 -4.69
N THR A 77 -5.21 -6.81 -4.39
CA THR A 77 -4.46 -7.70 -5.25
C THR A 77 -5.36 -8.85 -5.64
N ILE A 78 -5.51 -9.05 -6.93
CA ILE A 78 -6.26 -10.16 -7.49
C ILE A 78 -5.26 -11.19 -7.96
N HIS A 79 -5.47 -12.44 -7.58
CA HIS A 79 -4.64 -13.55 -8.01
C HIS A 79 -5.42 -14.44 -8.97
N LEU A 80 -4.98 -14.48 -10.21
CA LEU A 80 -5.49 -15.39 -11.22
C LEU A 80 -4.36 -16.32 -11.66
N ASP A 81 -4.70 -17.41 -12.34
CA ASP A 81 -3.67 -18.32 -12.79
C ASP A 81 -2.68 -17.64 -13.72
N ALA A 82 -3.18 -16.74 -14.58
CA ALA A 82 -2.34 -16.08 -15.57
C ALA A 82 -1.46 -15.00 -14.98
N GLY A 83 -1.73 -14.55 -13.77
CA GLY A 83 -0.93 -13.52 -13.14
C GLY A 83 -1.77 -12.77 -12.13
N GLU A 84 -1.14 -11.77 -11.54
CA GLU A 84 -1.82 -10.95 -10.55
C GLU A 84 -2.16 -9.59 -11.15
N ILE A 85 -3.16 -8.96 -10.54
CA ILE A 85 -3.62 -7.63 -10.93
C ILE A 85 -3.67 -6.77 -9.67
N PHE A 86 -3.10 -5.58 -9.74
CA PHE A 86 -3.00 -4.66 -8.61
C PHE A 86 -3.93 -3.49 -8.87
N ALA A 87 -4.71 -3.11 -7.86
CA ALA A 87 -5.62 -2.00 -8.02
C ALA A 87 -5.63 -1.17 -6.75
N ARG A 88 -6.01 0.09 -6.89
CA ARG A 88 -6.09 0.97 -5.75
C ARG A 88 -7.15 2.02 -6.01
N SER A 89 -7.74 2.53 -4.94
CA SER A 89 -8.82 3.49 -5.07
C SER A 89 -8.75 4.47 -3.93
N LEU A 90 -9.25 5.67 -4.18
CA LEU A 90 -9.57 6.64 -3.13
C LEU A 90 -10.98 7.11 -3.48
N THR A 91 -11.98 6.48 -2.87
CA THR A 91 -13.36 6.67 -3.31
C THR A 91 -14.27 6.47 -2.10
N PRO A 92 -15.53 6.90 -2.24
CA PRO A 92 -16.57 6.51 -1.27
C PRO A 92 -16.65 5.01 -1.12
N HIS A 93 -16.88 4.57 0.11
CA HIS A 93 -16.94 3.15 0.45
C HIS A 93 -18.36 2.82 0.91
N THR A 94 -19.29 2.77 -0.03
CA THR A 94 -20.70 2.50 0.24
C THR A 94 -21.13 1.28 -0.57
N LEU A 95 -22.42 0.92 -0.51
CA LEU A 95 -22.87 -0.19 -1.33
C LEU A 95 -22.86 0.16 -2.81
N ALA A 96 -22.84 1.45 -3.14
CA ALA A 96 -22.86 1.89 -4.52
C ALA A 96 -21.59 1.49 -5.28
N PRO A 97 -21.70 1.27 -6.59
CA PRO A 97 -20.51 0.95 -7.39
C PRO A 97 -19.43 2.02 -7.28
N PHE A 98 -18.17 1.57 -7.24
CA PHE A 98 -17.01 2.46 -7.26
C PHE A 98 -15.93 1.87 -8.14
N THR A 99 -15.05 2.73 -8.64
CA THR A 99 -14.05 2.35 -9.64
C THR A 99 -12.64 2.50 -9.08
N MET A 100 -11.85 1.45 -9.23
CA MET A 100 -10.46 1.43 -8.83
C MET A 100 -9.55 1.57 -10.05
N ALA A 101 -8.38 2.14 -9.83
CA ALA A 101 -7.33 2.18 -10.85
C ALA A 101 -6.52 0.88 -10.81
N ILE A 102 -6.34 0.26 -11.97
CA ILE A 102 -5.42 -0.86 -12.10
C ILE A 102 -4.04 -0.28 -12.35
N THR A 103 -3.10 -0.57 -11.46
CA THR A 103 -1.76 0.01 -11.50
C THR A 103 -0.71 -0.93 -12.07
N GLY A 104 -1.01 -2.21 -12.18
CA GLY A 104 -0.03 -3.13 -12.72
C GLY A 104 -0.48 -4.55 -12.48
N GLY A 105 0.45 -5.46 -12.69
CA GLY A 105 0.19 -6.87 -12.49
C GLY A 105 1.43 -7.68 -12.80
N THR A 106 1.24 -8.99 -12.86
CA THR A 106 2.31 -9.93 -13.15
C THR A 106 1.85 -10.87 -14.25
N GLY A 107 2.83 -11.57 -14.82
CA GLY A 107 2.50 -12.59 -15.81
C GLY A 107 1.80 -11.96 -16.99
N GLU A 108 0.64 -12.54 -17.32
CA GLU A 108 -0.15 -12.04 -18.44
C GLU A 108 -0.54 -10.58 -18.25
N TYR A 109 -0.61 -10.10 -17.01
CA TYR A 109 -1.04 -8.74 -16.73
C TYR A 109 0.12 -7.83 -16.39
N ALA A 110 1.35 -8.24 -16.67
CA ALA A 110 2.48 -7.34 -16.49
C ALA A 110 2.26 -6.07 -17.29
N ASN A 111 2.65 -4.94 -16.71
CA ASN A 111 2.48 -3.64 -17.35
C ASN A 111 1.03 -3.33 -17.68
N SER A 112 0.08 -3.92 -16.96
CA SER A 112 -1.33 -3.61 -17.19
C SER A 112 -1.69 -2.27 -16.56
N LYS A 113 -2.63 -1.59 -17.20
CA LYS A 113 -3.27 -0.41 -16.63
C LYS A 113 -4.76 -0.55 -16.87
N GLY A 114 -5.53 0.34 -16.28
CA GLY A 114 -6.95 0.36 -16.55
C GLY A 114 -7.79 0.62 -15.31
N GLU A 115 -9.00 0.09 -15.30
CA GLU A 115 -9.96 0.41 -14.27
C GLU A 115 -10.69 -0.85 -13.86
N LEU A 116 -11.12 -0.87 -12.61
CA LEU A 116 -11.83 -2.00 -12.03
C LEU A 116 -13.01 -1.44 -11.24
N THR A 117 -14.21 -1.77 -11.66
CA THR A 117 -15.41 -1.26 -11.01
C THR A 117 -15.96 -2.36 -10.11
N VAL A 118 -16.15 -2.02 -8.84
CA VAL A 118 -16.70 -2.92 -7.83
C VAL A 118 -18.15 -2.55 -7.65
N SER A 119 -19.04 -3.52 -7.86
CA SER A 119 -20.48 -3.35 -7.67
C SER A 119 -20.97 -4.39 -6.68
N GLY A 120 -21.94 -3.99 -5.86
CA GLY A 120 -22.51 -4.89 -4.87
C GLY A 120 -21.51 -5.31 -3.81
N VAL A 121 -20.60 -4.40 -3.43
CA VAL A 121 -19.52 -4.73 -2.50
C VAL A 121 -20.08 -5.29 -1.20
N ALA A 122 -19.47 -6.39 -0.75
CA ALA A 122 -19.82 -7.08 0.49
C ALA A 122 -21.26 -7.59 0.48
N THR A 123 -21.80 -7.90 -0.70
CA THR A 123 -23.08 -8.57 -0.78
C THR A 123 -22.88 -9.84 -1.59
N PRO A 124 -23.83 -10.78 -1.56
CA PRO A 124 -23.67 -12.01 -2.35
C PRO A 124 -23.59 -11.79 -3.85
N ASP A 125 -23.90 -10.59 -4.36
CA ASP A 125 -23.89 -10.34 -5.79
C ASP A 125 -22.71 -9.45 -6.20
N GLU A 126 -21.66 -9.44 -5.40
CA GLU A 126 -20.51 -8.58 -5.68
C GLU A 126 -19.85 -9.03 -6.99
N LYS A 127 -19.45 -8.05 -7.78
CA LYS A 127 -18.76 -8.32 -9.04
C LYS A 127 -17.67 -7.29 -9.23
N TYR A 128 -16.60 -7.71 -9.92
CA TYR A 128 -15.58 -6.80 -10.42
C TYR A 128 -15.71 -6.77 -11.94
N GLU A 129 -15.74 -5.57 -12.50
CA GLU A 129 -15.72 -5.37 -13.95
C GLU A 129 -14.41 -4.68 -14.28
N LEU A 130 -13.52 -5.39 -14.98
CA LEU A 130 -12.19 -4.89 -15.29
C LEU A 130 -12.14 -4.44 -16.75
N LYS A 131 -11.48 -3.31 -16.97
CA LYS A 131 -11.10 -2.85 -18.31
C LYS A 131 -9.60 -2.64 -18.28
N LEU A 132 -8.87 -3.51 -18.96
CA LEU A 132 -7.41 -3.48 -18.93
C LEU A 132 -6.91 -2.98 -20.27
N THR A 133 -5.92 -2.09 -20.25
CA THR A 133 -5.41 -1.49 -21.46
C THR A 133 -3.97 -1.92 -21.69
N GLU B 11 9.20 16.51 -21.39
CA GLU B 11 9.57 17.61 -20.51
C GLU B 11 8.86 17.46 -19.15
N PRO B 12 9.60 17.54 -18.04
CA PRO B 12 8.99 17.33 -16.74
C PRO B 12 8.05 18.48 -16.35
N VAL B 13 6.97 18.12 -15.64
CA VAL B 13 5.95 19.06 -15.20
C VAL B 13 6.07 19.23 -13.69
N THR B 14 6.03 20.47 -13.21
CA THR B 14 6.03 20.71 -11.79
C THR B 14 4.67 21.24 -11.35
N MET B 15 4.39 21.09 -10.06
CA MET B 15 3.15 21.55 -9.46
C MET B 15 3.42 21.85 -8.00
N THR B 16 2.87 22.96 -7.50
CA THR B 16 3.00 23.37 -6.11
C THR B 16 1.62 23.37 -5.47
N LEU B 17 1.39 22.47 -4.53
CA LEU B 17 0.08 22.33 -3.89
C LEU B 17 0.13 22.73 -2.42
N ASP B 18 -0.81 23.57 -2.01
CA ASP B 18 -1.00 23.88 -0.61
C ASP B 18 -1.88 22.82 0.03
N VAL B 19 -1.46 22.37 1.20
CA VAL B 19 -2.02 21.19 1.84
C VAL B 19 -2.59 21.59 3.20
N LYS B 20 -3.87 21.29 3.41
CA LYS B 20 -4.52 21.51 4.70
C LYS B 20 -4.98 20.16 5.24
N ASN B 21 -4.45 19.74 6.41
CA ASN B 21 -4.92 18.50 7.00
C ASN B 21 -6.42 18.58 7.22
N ASP B 22 -7.13 17.53 6.81
CA ASP B 22 -8.59 17.50 6.90
C ASP B 22 -9.02 16.62 8.08
N GLN B 23 -8.84 15.31 7.97
CA GLN B 23 -9.08 14.40 9.09
C GLN B 23 -7.85 13.52 9.26
N VAL B 24 -7.54 13.19 10.52
CA VAL B 24 -6.35 12.41 10.82
C VAL B 24 -6.64 11.50 12.00
N ALA B 25 -6.14 10.27 11.91
CA ALA B 25 -6.10 9.35 13.05
C ALA B 25 -4.66 8.91 13.27
N LYS B 26 -4.17 9.06 14.49
CA LYS B 26 -2.86 8.52 14.87
C LYS B 26 -3.13 7.30 15.73
N HIS B 27 -2.91 6.12 15.15
CA HIS B 27 -3.12 4.88 15.90
C HIS B 27 -1.87 4.59 16.73
N ASP B 28 -2.02 4.61 18.05
CA ASP B 28 -0.94 4.27 18.96
C ASP B 28 -1.16 2.82 19.33
N PHE B 29 -0.73 1.94 18.42
CA PHE B 29 -0.84 0.52 18.62
C PHE B 29 0.33 0.02 19.46
N GLY B 30 0.39 -1.28 19.66
CA GLY B 30 1.52 -1.90 20.33
C GLY B 30 1.73 -1.30 21.70
N LYS B 31 2.98 -1.02 22.04
CA LYS B 31 3.24 -0.40 23.32
C LYS B 31 2.78 1.05 23.23
N PRO B 32 2.07 1.57 24.25
CA PRO B 32 1.71 2.98 24.21
C PRO B 32 2.97 3.82 24.05
N GLY B 33 2.83 4.92 23.31
CA GLY B 33 3.95 5.70 22.87
C GLY B 33 4.44 5.27 21.49
N MET B 34 5.27 6.11 20.91
CA MET B 34 5.69 5.89 19.53
C MET B 34 6.59 4.65 19.48
N ASP B 35 6.19 3.66 18.69
CA ASP B 35 7.02 2.48 18.52
C ASP B 35 6.65 1.83 17.19
N VAL B 36 7.45 0.85 16.78
CA VAL B 36 7.17 0.11 15.57
C VAL B 36 5.73 -0.35 15.59
N GLY B 37 5.03 -0.16 14.46
CA GLY B 37 3.67 -0.62 14.32
C GLY B 37 2.62 0.45 14.50
N ASP B 38 3.00 1.63 14.95
CA ASP B 38 2.02 2.68 15.01
C ASP B 38 1.70 3.11 13.59
N MET B 39 0.60 3.84 13.45
CA MET B 39 0.11 4.14 12.11
C MET B 39 -0.71 5.41 12.12
N ASP B 40 -0.53 6.21 11.06
CA ASP B 40 -1.35 7.39 10.84
C ASP B 40 -2.15 7.19 9.57
N ILE B 41 -3.43 7.54 9.63
CA ILE B 41 -4.31 7.52 8.46
C ILE B 41 -4.88 8.93 8.34
N PHE B 42 -4.85 9.48 7.12
CA PHE B 42 -5.14 10.92 7.02
C PHE B 42 -5.73 11.28 5.67
N SER B 43 -6.34 12.47 5.63
CA SER B 43 -6.84 13.09 4.41
C SER B 43 -6.50 14.56 4.48
N ASP B 44 -6.37 15.17 3.31
CA ASP B 44 -6.01 16.58 3.20
C ASP B 44 -6.87 17.24 2.13
N ILE B 45 -7.00 18.56 2.26
CA ILE B 45 -7.58 19.42 1.23
C ILE B 45 -6.43 20.08 0.48
N LEU B 46 -6.46 20.03 -0.85
CA LEU B 46 -5.40 20.61 -1.65
C LEU B 46 -5.90 21.87 -2.33
N SER B 47 -5.09 22.93 -2.31
CA SER B 47 -5.48 24.18 -2.93
C SER B 47 -4.30 24.83 -3.61
N VAL B 48 -4.61 25.67 -4.59
CA VAL B 48 -3.64 26.52 -5.26
C VAL B 48 -4.24 27.91 -5.43
N ASP B 49 -3.48 28.93 -5.07
CA ASP B 49 -3.90 30.31 -5.27
C ASP B 49 -5.25 30.54 -4.59
N GLY B 50 -5.45 29.90 -3.44
CA GLY B 50 -6.63 30.10 -2.63
C GLY B 50 -7.87 29.34 -3.06
N LYS B 51 -7.78 28.50 -4.08
CA LYS B 51 -8.91 27.70 -4.56
C LYS B 51 -8.63 26.22 -4.36
N GLN B 52 -9.62 25.48 -3.85
CA GLN B 52 -9.46 24.05 -3.73
C GLN B 52 -9.29 23.43 -5.10
N VAL B 53 -8.30 22.57 -5.24
CA VAL B 53 -8.06 21.83 -6.47
C VAL B 53 -8.21 20.33 -6.32
N GLY B 54 -8.37 19.83 -5.10
CA GLY B 54 -8.53 18.40 -4.90
C GLY B 54 -8.35 18.03 -3.44
N TYR B 55 -8.05 16.76 -3.25
CA TYR B 55 -7.93 16.21 -1.89
C TYR B 55 -7.02 15.00 -1.98
N ASP B 56 -6.65 14.48 -0.81
CA ASP B 56 -5.83 13.29 -0.81
C ASP B 56 -6.20 12.42 0.38
N GLY B 57 -5.66 11.23 0.34
CA GLY B 57 -5.82 10.25 1.41
C GLY B 57 -4.60 9.36 1.44
N GLY B 58 -4.22 8.95 2.64
CA GLY B 58 -3.01 8.17 2.76
C GLY B 58 -2.89 7.51 4.11
N ALA B 59 -1.82 6.72 4.22
CA ALA B 59 -1.52 5.97 5.43
C ALA B 59 -0.02 5.90 5.59
N CYS B 60 0.43 6.06 6.83
CA CYS B 60 1.84 5.92 7.19
C CYS B 60 1.96 4.86 8.26
N PHE B 61 2.93 3.98 8.10
CA PHE B 61 3.24 2.90 9.03
C PHE B 61 4.62 3.13 9.60
N PHE B 62 4.73 3.15 10.93
CA PHE B 62 6.02 3.33 11.61
C PHE B 62 6.75 1.98 11.58
N THR B 63 7.77 1.88 10.74
CA THR B 63 8.50 0.63 10.58
C THR B 63 9.66 0.52 11.53
N ASN B 64 10.17 1.63 12.04
CA ASN B 64 11.32 1.61 12.91
C ASN B 64 11.30 2.91 13.70
N VAL B 65 11.36 2.79 15.01
CA VAL B 65 11.34 3.95 15.90
C VAL B 65 12.52 3.85 16.85
N THR B 66 13.42 4.81 16.77
CA THR B 66 14.42 5.04 17.79
C THR B 66 14.30 6.51 18.19
N PRO B 67 14.88 6.90 19.33
CA PRO B 67 14.77 8.31 19.72
C PRO B 67 15.34 9.25 18.67
N ASP B 68 16.29 8.77 17.85
CA ASP B 68 16.90 9.63 16.85
C ASP B 68 16.09 9.71 15.56
N ASN B 69 15.38 8.64 15.18
CA ASN B 69 14.75 8.63 13.87
C ASN B 69 13.54 7.69 13.83
N PRO B 70 12.32 8.22 13.76
CA PRO B 70 11.17 7.37 13.46
C PRO B 70 10.94 7.26 11.97
N MET B 71 11.13 6.06 11.42
CA MET B 71 10.95 5.80 9.99
C MET B 71 9.51 5.40 9.72
N THR B 72 8.94 5.95 8.65
CA THR B 72 7.60 5.58 8.21
C THR B 72 7.63 5.14 6.76
N TYR B 73 6.85 4.10 6.49
CA TYR B 73 6.42 3.76 5.15
C TYR B 73 5.08 4.45 4.91
N CYS B 74 5.03 5.35 3.92
CA CYS B 74 3.83 6.12 3.63
C CYS B 74 3.36 5.87 2.22
N GLU B 75 2.04 5.81 2.08
CA GLU B 75 1.35 5.71 0.81
C GLU B 75 0.35 6.86 0.73
N LEU B 76 0.30 7.51 -0.44
CA LEU B 76 -0.50 8.70 -0.63
C LEU B 76 -1.20 8.61 -1.99
N THR B 77 -2.46 9.01 -2.02
CA THR B 77 -3.19 9.21 -3.26
C THR B 77 -3.73 10.64 -3.29
N ILE B 78 -3.39 11.33 -4.37
CA ILE B 78 -3.85 12.68 -4.64
C ILE B 78 -4.93 12.59 -5.69
N HIS B 79 -6.06 13.26 -5.45
CA HIS B 79 -7.15 13.36 -6.41
C HIS B 79 -7.26 14.79 -6.91
N LEU B 80 -7.01 14.99 -8.20
CA LEU B 80 -7.25 16.25 -8.88
C LEU B 80 -8.31 16.03 -9.95
N ASP B 81 -8.87 17.12 -10.48
CA ASP B 81 -9.86 16.98 -11.55
C ASP B 81 -9.26 16.25 -12.74
N ALA B 82 -7.99 16.51 -13.03
CA ALA B 82 -7.35 15.92 -14.20
C ALA B 82 -7.00 14.44 -14.00
N GLY B 83 -6.97 13.97 -12.77
CA GLY B 83 -6.65 12.57 -12.53
C GLY B 83 -6.06 12.42 -11.14
N GLU B 84 -5.63 11.19 -10.86
CA GLU B 84 -5.02 10.87 -9.58
C GLU B 84 -3.51 10.74 -9.70
N ILE B 85 -2.84 10.92 -8.58
CA ILE B 85 -1.39 10.76 -8.48
C ILE B 85 -1.10 9.89 -7.27
N PHE B 86 -0.26 8.89 -7.47
CA PHE B 86 0.12 7.92 -6.43
C PHE B 86 1.57 8.15 -6.03
N ALA B 87 1.82 8.15 -4.72
CA ALA B 87 3.16 8.36 -4.22
C ALA B 87 3.42 7.46 -3.01
N ARG B 88 4.69 7.19 -2.77
CA ARG B 88 5.06 6.37 -1.61
C ARG B 88 6.46 6.79 -1.15
N SER B 89 6.72 6.54 0.13
CA SER B 89 7.99 6.93 0.73
C SER B 89 8.35 5.94 1.83
N LEU B 90 9.65 5.84 2.07
CA LEU B 90 10.19 5.21 3.28
C LEU B 90 11.25 6.19 3.79
N THR B 91 10.88 7.03 4.74
CA THR B 91 11.75 8.14 5.13
C THR B 91 11.56 8.38 6.60
N PRO B 92 12.45 9.15 7.23
CA PRO B 92 12.16 9.67 8.55
C PRO B 92 10.85 10.45 8.54
N HIS B 93 10.11 10.33 9.63
CA HIS B 93 8.81 10.98 9.77
C HIS B 93 8.97 12.10 10.79
N THR B 94 9.65 13.15 10.36
CA THR B 94 9.98 14.32 11.16
C THR B 94 9.45 15.56 10.45
N LEU B 95 9.69 16.72 11.04
CA LEU B 95 9.27 17.97 10.41
C LEU B 95 10.12 18.34 9.19
N ALA B 96 11.26 17.71 9.00
CA ALA B 96 12.10 18.03 7.85
C ALA B 96 11.39 17.68 6.54
N PRO B 97 11.70 18.39 5.46
CA PRO B 97 11.14 18.00 4.17
C PRO B 97 11.53 16.57 3.85
N PHE B 98 10.62 15.83 3.23
CA PHE B 98 10.96 14.51 2.73
C PHE B 98 10.34 14.33 1.36
N THR B 99 10.96 13.47 0.57
CA THR B 99 10.61 13.28 -0.82
C THR B 99 10.07 11.87 -1.03
N MET B 100 8.90 11.80 -1.63
CA MET B 100 8.21 10.58 -1.99
C MET B 100 8.42 10.31 -3.45
N ALA B 101 8.36 9.03 -3.81
CA ALA B 101 8.42 8.63 -5.20
C ALA B 101 7.00 8.65 -5.75
N ILE B 102 6.82 9.31 -6.89
CA ILE B 102 5.56 9.21 -7.61
C ILE B 102 5.64 7.95 -8.45
N THR B 103 4.71 7.01 -8.21
CA THR B 103 4.77 5.71 -8.87
C THR B 103 3.79 5.57 -10.02
N GLY B 104 2.81 6.46 -10.14
CA GLY B 104 1.86 6.38 -11.22
C GLY B 104 0.73 7.36 -10.98
N GLY B 105 -0.31 7.21 -11.79
CA GLY B 105 -1.49 8.05 -11.66
C GLY B 105 -2.52 7.64 -12.68
N THR B 106 -3.57 8.47 -12.79
CA THR B 106 -4.66 8.25 -13.73
C THR B 106 -4.89 9.52 -14.52
N GLY B 107 -5.68 9.40 -15.58
CA GLY B 107 -6.07 10.57 -16.36
C GLY B 107 -4.86 11.22 -16.95
N GLU B 108 -4.72 12.52 -16.70
CA GLU B 108 -3.55 13.25 -17.20
C GLU B 108 -2.24 12.68 -16.66
N TYR B 109 -2.28 12.02 -15.50
CA TYR B 109 -1.09 11.52 -14.85
C TYR B 109 -0.89 10.03 -15.04
N ALA B 110 -1.63 9.42 -15.97
CA ALA B 110 -1.37 8.04 -16.31
C ALA B 110 0.08 7.88 -16.72
N ASN B 111 0.69 6.76 -16.31
CA ASN B 111 2.08 6.48 -16.64
C ASN B 111 3.02 7.57 -16.11
N SER B 112 2.61 8.28 -15.06
CA SER B 112 3.48 9.27 -14.47
C SER B 112 4.52 8.61 -13.58
N LYS B 113 5.70 9.21 -13.55
CA LYS B 113 6.71 8.92 -12.54
C LYS B 113 7.23 10.25 -12.04
N GLY B 114 8.04 10.19 -11.00
CA GLY B 114 8.69 11.39 -10.51
C GLY B 114 8.78 11.42 -9.01
N GLU B 115 8.73 12.63 -8.44
CA GLU B 115 8.95 12.80 -7.02
C GLU B 115 8.06 13.89 -6.48
N LEU B 116 7.78 13.77 -5.19
CA LEU B 116 6.91 14.71 -4.50
C LEU B 116 7.55 15.02 -3.15
N THR B 117 7.89 16.28 -2.95
CA THR B 117 8.56 16.68 -1.72
C THR B 117 7.56 17.38 -0.81
N VAL B 118 7.46 16.87 0.40
CA VAL B 118 6.54 17.39 1.42
C VAL B 118 7.35 18.29 2.34
N SER B 119 6.93 19.53 2.46
CA SER B 119 7.58 20.51 3.30
C SER B 119 6.55 21.11 4.25
N GLY B 120 7.02 21.46 5.45
CA GLY B 120 6.18 22.05 6.46
C GLY B 120 5.08 21.14 6.95
N VAL B 121 5.34 19.83 6.97
CA VAL B 121 4.32 18.87 7.38
C VAL B 121 3.86 19.24 8.78
N ALA B 122 2.55 19.18 9.01
CA ALA B 122 1.96 19.51 10.30
C ALA B 122 2.20 20.97 10.68
N THR B 123 2.26 21.84 9.69
CA THR B 123 2.24 23.29 9.89
C THR B 123 1.14 23.85 8.98
N PRO B 124 0.72 25.10 9.23
CA PRO B 124 -0.26 25.71 8.33
C PRO B 124 0.25 25.95 6.93
N ASP B 125 1.56 25.87 6.70
CA ASP B 125 2.16 26.16 5.41
C ASP B 125 2.62 24.89 4.70
N GLU B 126 2.00 23.76 5.01
CA GLU B 126 2.39 22.51 4.39
C GLU B 126 2.20 22.60 2.89
N LYS B 127 3.16 22.08 2.14
CA LYS B 127 3.10 22.08 0.68
C LYS B 127 3.63 20.76 0.15
N TYR B 128 3.12 20.39 -1.02
CA TYR B 128 3.69 19.34 -1.84
C TYR B 128 4.27 19.99 -3.07
N GLU B 129 5.52 19.67 -3.38
CA GLU B 129 6.16 20.13 -4.61
C GLU B 129 6.41 18.91 -5.49
N LEU B 130 5.76 18.87 -6.64
CA LEU B 130 5.78 17.72 -7.51
C LEU B 130 6.68 17.98 -8.72
N LYS B 131 7.45 16.95 -9.11
CA LYS B 131 8.12 16.90 -10.40
C LYS B 131 7.67 15.60 -11.05
N LEU B 132 6.88 15.69 -12.11
CA LEU B 132 6.32 14.52 -12.78
C LEU B 132 6.99 14.37 -14.13
N THR B 133 7.40 13.16 -14.46
CA THR B 133 8.05 12.86 -15.72
C THR B 133 7.22 11.87 -16.54
N VAL C 13 20.32 -7.25 -12.93
CA VAL C 13 20.86 -7.02 -11.58
C VAL C 13 20.28 -8.00 -10.58
N THR C 14 21.14 -8.79 -9.94
CA THR C 14 20.74 -9.70 -8.89
C THR C 14 21.46 -9.38 -7.59
N MET C 15 20.83 -9.79 -6.49
CA MET C 15 21.38 -9.53 -5.17
C MET C 15 20.81 -10.58 -4.22
N THR C 16 21.67 -11.09 -3.36
CA THR C 16 21.31 -12.04 -2.31
C THR C 16 21.49 -11.24 -1.05
N LEU C 17 20.38 -10.96 -0.36
CA LEU C 17 20.42 -10.12 0.84
C LEU C 17 20.14 -10.96 2.07
N ASP C 18 21.05 -10.86 3.03
CA ASP C 18 20.82 -11.40 4.35
C ASP C 18 20.01 -10.38 5.12
N VAL C 19 18.95 -10.86 5.79
CA VAL C 19 17.96 -9.98 6.38
C VAL C 19 18.06 -10.18 7.87
N LYS C 20 18.33 -9.11 8.59
CA LYS C 20 18.37 -9.15 10.04
C LYS C 20 17.22 -8.28 10.52
N ASN C 21 16.21 -8.89 11.13
CA ASN C 21 15.11 -8.10 11.64
C ASN C 21 15.62 -7.08 12.63
N ASP C 22 15.09 -5.88 12.51
CA ASP C 22 15.47 -4.76 13.34
C ASP C 22 14.37 -4.55 14.37
N GLN C 23 13.21 -4.13 13.92
CA GLN C 23 12.04 -4.00 14.78
C GLN C 23 10.83 -4.60 14.09
N VAL C 24 9.93 -5.17 14.89
CA VAL C 24 8.71 -5.78 14.37
C VAL C 24 7.58 -5.57 15.36
N ALA C 25 6.41 -5.27 14.83
CA ALA C 25 5.16 -5.27 15.60
C ALA C 25 4.27 -6.31 14.97
N LYS C 26 3.83 -7.27 15.78
CA LYS C 26 2.85 -8.27 15.38
C LYS C 26 1.56 -7.86 16.07
N HIS C 27 0.70 -7.19 15.31
CA HIS C 27 -0.54 -6.66 15.87
C HIS C 27 -1.59 -7.76 15.85
N ASP C 28 -2.07 -8.09 17.04
CA ASP C 28 -3.15 -9.04 17.24
C ASP C 28 -4.42 -8.23 17.50
N PHE C 29 -5.24 -8.10 16.48
CA PHE C 29 -6.54 -7.47 16.59
C PHE C 29 -7.61 -8.55 16.57
N GLY C 30 -8.86 -8.11 16.60
CA GLY C 30 -9.97 -9.04 16.41
C GLY C 30 -9.92 -10.13 17.45
N LYS C 31 -10.09 -11.36 17.00
CA LYS C 31 -10.03 -12.50 17.90
C LYS C 31 -8.60 -12.76 18.36
N PRO C 32 -8.38 -13.12 19.62
CA PRO C 32 -7.03 -13.44 20.08
C PRO C 32 -6.40 -14.49 19.18
N GLY C 33 -5.10 -14.36 18.94
CA GLY C 33 -4.43 -15.24 18.01
C GLY C 33 -4.50 -14.74 16.57
N MET C 34 -3.77 -15.41 15.70
CA MET C 34 -3.71 -15.01 14.30
C MET C 34 -5.06 -15.23 13.61
N ASP C 35 -5.60 -14.17 13.02
CA ASP C 35 -6.84 -14.27 12.25
C ASP C 35 -6.89 -13.10 11.27
N VAL C 36 -7.87 -13.16 10.36
CA VAL C 36 -8.05 -12.09 9.39
C VAL C 36 -8.05 -10.75 10.11
N GLY C 37 -7.31 -9.79 9.56
CA GLY C 37 -7.28 -8.46 10.09
C GLY C 37 -6.08 -8.18 10.97
N ASP C 38 -5.33 -9.21 11.37
CA ASP C 38 -4.08 -8.95 12.06
C ASP C 38 -3.07 -8.40 11.05
N MET C 39 -1.98 -7.83 11.57
CA MET C 39 -1.01 -7.20 10.69
C MET C 39 0.34 -7.14 11.37
N ASP C 40 1.39 -7.27 10.57
CA ASP C 40 2.77 -7.12 11.02
C ASP C 40 3.36 -5.91 10.32
N ILE C 41 4.08 -5.09 11.09
CA ILE C 41 4.81 -3.95 10.57
C ILE C 41 6.26 -4.12 11.03
N PHE C 42 7.21 -3.90 10.13
CA PHE C 42 8.57 -4.33 10.41
C PHE C 42 9.60 -3.49 9.65
N SER C 43 10.84 -3.58 10.14
CA SER C 43 12.02 -3.04 9.49
C SER C 43 13.14 -4.06 9.64
N ASP C 44 14.07 -4.04 8.68
CA ASP C 44 15.17 -4.98 8.65
C ASP C 44 16.43 -4.26 8.23
N ILE C 45 17.57 -4.82 8.63
CA ILE C 45 18.87 -4.42 8.14
C ILE C 45 19.29 -5.44 7.09
N LEU C 46 19.77 -4.95 5.96
CA LEU C 46 20.16 -5.79 4.84
C LEU C 46 21.66 -5.81 4.72
N SER C 47 22.20 -7.00 4.48
CA SER C 47 23.65 -7.21 4.42
C SER C 47 23.97 -8.11 3.24
N VAL C 48 25.19 -7.96 2.75
CA VAL C 48 25.76 -8.88 1.78
C VAL C 48 27.16 -9.20 2.25
N ASP C 49 27.48 -10.49 2.34
CA ASP C 49 28.83 -10.91 2.73
C ASP C 49 29.23 -10.26 4.05
N GLY C 50 28.27 -10.09 4.94
CA GLY C 50 28.52 -9.53 6.26
C GLY C 50 28.62 -8.02 6.33
N LYS C 51 28.43 -7.30 5.22
CA LYS C 51 28.50 -5.85 5.21
C LYS C 51 27.10 -5.30 4.98
N GLN C 52 26.69 -4.35 5.82
CA GLN C 52 25.38 -3.71 5.65
C GLN C 52 25.36 -2.91 4.35
N VAL C 53 24.33 -3.16 3.55
CA VAL C 53 24.12 -2.44 2.30
C VAL C 53 22.85 -1.61 2.31
N GLY C 54 22.01 -1.75 3.34
CA GLY C 54 20.80 -0.94 3.36
C GLY C 54 19.81 -1.48 4.38
N TYR C 55 18.55 -1.11 4.18
CA TYR C 55 17.52 -1.45 5.14
C TYR C 55 16.18 -1.52 4.42
N ASP C 56 15.15 -1.95 5.15
CA ASP C 56 13.83 -1.97 4.53
C ASP C 56 12.76 -1.65 5.57
N GLY C 57 11.55 -1.45 5.06
CA GLY C 57 10.40 -1.25 5.92
C GLY C 57 9.19 -1.80 5.22
N GLY C 58 8.25 -2.38 5.95
CA GLY C 58 7.11 -2.98 5.28
C GLY C 58 5.96 -3.25 6.23
N ALA C 59 4.87 -3.71 5.63
CA ALA C 59 3.66 -4.07 6.36
C ALA C 59 3.01 -5.26 5.68
N CYS C 60 2.53 -6.19 6.48
CA CYS C 60 1.76 -7.33 5.98
C CYS C 60 0.42 -7.34 6.68
N PHE C 61 -0.64 -7.53 5.91
CA PHE C 61 -2.01 -7.62 6.44
C PHE C 61 -2.50 -9.03 6.21
N PHE C 62 -2.96 -9.68 7.29
CA PHE C 62 -3.45 -11.05 7.18
C PHE C 62 -4.86 -11.01 6.59
N THR C 63 -4.97 -11.38 5.32
CA THR C 63 -6.24 -11.30 4.61
C THR C 63 -7.07 -12.56 4.74
N ASN C 64 -6.41 -13.67 5.07
CA ASN C 64 -7.08 -14.94 5.18
C ASN C 64 -6.19 -15.84 6.03
N VAL C 65 -6.76 -16.39 7.10
CA VAL C 65 -6.03 -17.25 8.01
C VAL C 65 -6.81 -18.54 8.17
N THR C 66 -6.20 -19.64 7.78
CA THR C 66 -6.65 -20.97 8.16
C THR C 66 -5.47 -21.61 8.88
N PRO C 67 -5.70 -22.69 9.62
CA PRO C 67 -4.58 -23.25 10.41
C PRO C 67 -3.40 -23.65 9.55
N ASP C 68 -3.64 -24.06 8.30
CA ASP C 68 -2.54 -24.50 7.45
C ASP C 68 -1.84 -23.34 6.77
N ASN C 69 -2.53 -22.24 6.54
CA ASN C 69 -1.96 -21.23 5.68
C ASN C 69 -2.47 -19.84 6.05
N PRO C 70 -1.63 -19.00 6.62
CA PRO C 70 -1.99 -17.59 6.78
C PRO C 70 -1.59 -16.79 5.55
N MET C 71 -2.57 -16.21 4.87
CA MET C 71 -2.33 -15.42 3.67
C MET C 71 -2.10 -13.95 4.03
N THR C 72 -1.11 -13.33 3.41
CA THR C 72 -0.85 -11.92 3.64
C THR C 72 -0.74 -11.13 2.36
N TYR C 73 -1.26 -9.91 2.43
CA TYR C 73 -0.96 -8.84 1.50
C TYR C 73 0.19 -8.05 2.11
N CYS C 74 1.34 -8.05 1.45
CA CYS C 74 2.54 -7.42 1.97
C CYS C 74 3.03 -6.34 1.03
N GLU C 75 3.51 -5.26 1.62
CA GLU C 75 4.13 -4.16 0.92
C GLU C 75 5.51 -3.99 1.54
N LEU C 76 6.54 -3.81 0.71
CA LEU C 76 7.90 -3.70 1.19
C LEU C 76 8.63 -2.63 0.41
N THR C 77 9.44 -1.84 1.10
CA THR C 77 10.37 -0.91 0.46
C THR C 77 11.77 -1.23 0.95
N ILE C 78 12.68 -1.46 0.01
CA ILE C 78 14.10 -1.67 0.26
C ILE C 78 14.83 -0.38 -0.08
N HIS C 79 15.72 0.04 0.83
CA HIS C 79 16.55 1.23 0.65
C HIS C 79 17.99 0.76 0.50
N LEU C 80 18.56 0.96 -0.67
CA LEU C 80 19.97 0.72 -0.95
C LEU C 80 20.62 2.04 -1.33
N ASP C 81 21.95 2.02 -1.39
CA ASP C 81 22.68 3.25 -1.70
C ASP C 81 22.28 3.80 -3.06
N ALA C 82 22.07 2.93 -4.05
CA ALA C 82 21.77 3.37 -5.40
C ALA C 82 20.32 3.78 -5.58
N GLY C 83 19.45 3.46 -4.64
CA GLY C 83 18.05 3.82 -4.75
C GLY C 83 17.19 2.85 -3.95
N GLU C 84 15.89 3.06 -4.07
CA GLU C 84 14.92 2.22 -3.40
C GLU C 84 14.28 1.25 -4.39
N ILE C 85 13.72 0.18 -3.84
CA ILE C 85 13.03 -0.86 -4.60
C ILE C 85 11.70 -1.13 -3.91
N PHE C 86 10.62 -1.17 -4.69
CA PHE C 86 9.27 -1.37 -4.16
C PHE C 86 8.75 -2.76 -4.53
N ALA C 87 8.20 -3.47 -3.56
CA ALA C 87 7.65 -4.80 -3.85
C ALA C 87 6.35 -5.01 -3.09
N ARG C 88 5.54 -5.93 -3.63
CA ARG C 88 4.25 -6.28 -3.04
C ARG C 88 3.93 -7.74 -3.34
N SER C 89 3.16 -8.35 -2.45
CA SER C 89 2.83 -9.76 -2.58
C SER C 89 1.45 -10.04 -1.98
N LEU C 90 0.83 -11.09 -2.50
CA LEU C 90 -0.36 -11.68 -1.88
C LEU C 90 -0.05 -13.17 -1.89
N THR C 91 0.42 -13.69 -0.77
CA THR C 91 0.98 -15.04 -0.75
C THR C 91 0.77 -15.65 0.61
N PRO C 92 0.92 -16.97 0.73
CA PRO C 92 1.12 -17.58 2.04
C PRO C 92 2.29 -16.94 2.74
N HIS C 93 2.15 -16.74 4.05
CA HIS C 93 3.16 -16.09 4.85
C HIS C 93 3.81 -17.13 5.76
N THR C 94 4.61 -18.00 5.16
CA THR C 94 5.28 -19.10 5.86
C THR C 94 6.78 -19.05 5.56
N LEU C 95 7.50 -20.02 6.12
CA LEU C 95 8.93 -20.10 5.86
C LEU C 95 9.22 -20.53 4.44
N ALA C 96 8.27 -21.17 3.77
CA ALA C 96 8.52 -21.55 2.40
C ALA C 96 8.75 -20.26 1.61
N PRO C 97 9.61 -20.29 0.59
CA PRO C 97 9.83 -19.09 -0.21
C PRO C 97 8.53 -18.61 -0.83
N PHE C 98 8.35 -17.30 -0.84
CA PHE C 98 7.26 -16.69 -1.57
C PHE C 98 7.84 -15.52 -2.33
N THR C 99 7.23 -15.20 -3.46
CA THR C 99 7.82 -14.25 -4.37
C THR C 99 6.96 -13.00 -4.38
N MET C 100 7.60 -11.86 -4.19
CA MET C 100 6.96 -10.57 -4.28
C MET C 100 7.26 -9.97 -5.65
N ALA C 101 6.32 -9.19 -6.15
CA ALA C 101 6.52 -8.49 -7.40
C ALA C 101 7.23 -7.19 -7.11
N ILE C 102 8.32 -6.93 -7.83
CA ILE C 102 8.97 -5.63 -7.77
C ILE C 102 8.24 -4.73 -8.76
N THR C 103 7.65 -3.66 -8.25
CA THR C 103 6.80 -2.79 -9.05
C THR C 103 7.53 -1.53 -9.50
N GLY C 104 8.66 -1.21 -8.90
CA GLY C 104 9.38 -0.02 -9.30
C GLY C 104 10.45 0.28 -8.27
N GLY C 105 11.02 1.46 -8.40
CA GLY C 105 12.08 1.89 -7.51
C GLY C 105 12.48 3.31 -7.83
N THR C 106 13.58 3.73 -7.22
CA THR C 106 14.13 5.06 -7.43
C THR C 106 15.61 4.94 -7.75
N GLY C 107 16.18 6.06 -8.21
CA GLY C 107 17.61 6.10 -8.46
C GLY C 107 17.99 5.12 -9.55
N GLU C 108 19.00 4.29 -9.26
CA GLU C 108 19.42 3.29 -10.24
C GLU C 108 18.28 2.33 -10.56
N TYR C 109 17.30 2.19 -9.67
CA TYR C 109 16.22 1.22 -9.85
C TYR C 109 14.92 1.85 -10.32
N ALA C 110 14.96 3.10 -10.78
CA ALA C 110 13.79 3.69 -11.39
C ALA C 110 13.32 2.85 -12.57
N ASN C 111 12.01 2.74 -12.72
CA ASN C 111 11.40 1.99 -13.82
C ASN C 111 11.84 0.53 -13.84
N SER C 112 12.31 0.02 -12.71
CA SER C 112 12.67 -1.39 -12.62
C SER C 112 11.43 -2.23 -12.38
N LYS C 113 11.48 -3.46 -12.86
CA LYS C 113 10.53 -4.50 -12.52
C LYS C 113 11.33 -5.75 -12.15
N GLY C 114 10.61 -6.77 -11.68
CA GLY C 114 11.26 -8.03 -11.37
C GLY C 114 10.62 -8.70 -10.16
N GLU C 115 11.43 -9.49 -9.46
CA GLU C 115 10.89 -10.35 -8.41
C GLU C 115 11.82 -10.34 -7.22
N LEU C 116 11.22 -10.52 -6.05
CA LEU C 116 11.93 -10.60 -4.77
C LEU C 116 11.37 -11.80 -4.05
N THR C 117 12.21 -12.80 -3.84
CA THR C 117 11.79 -14.03 -3.17
C THR C 117 12.27 -13.99 -1.72
N VAL C 118 11.33 -14.15 -0.80
CA VAL C 118 11.57 -14.10 0.64
C VAL C 118 11.62 -15.53 1.16
N SER C 119 12.70 -15.89 1.83
CA SER C 119 12.86 -17.22 2.41
C SER C 119 13.02 -17.05 3.92
N GLY C 120 12.36 -17.92 4.69
CA GLY C 120 12.49 -17.88 6.14
C GLY C 120 11.93 -16.63 6.78
N VAL C 121 10.81 -16.11 6.28
CA VAL C 121 10.26 -14.85 6.75
C VAL C 121 10.04 -14.88 8.26
N ALA C 122 10.40 -13.76 8.89
CA ALA C 122 10.17 -13.56 10.31
C ALA C 122 10.93 -14.57 11.16
N THR C 123 12.11 -14.99 10.73
CA THR C 123 13.05 -15.76 11.50
C THR C 123 14.43 -15.13 11.43
N PRO C 124 15.36 -15.56 12.30
CA PRO C 124 16.74 -15.06 12.22
C PRO C 124 17.46 -15.43 10.95
N ASP C 125 16.94 -16.36 10.15
CA ASP C 125 17.62 -16.81 8.95
C ASP C 125 16.95 -16.34 7.67
N GLU C 126 16.21 -15.24 7.74
CA GLU C 126 15.50 -14.71 6.59
C GLU C 126 16.45 -14.21 5.51
N LYS C 127 16.10 -14.45 4.25
CA LYS C 127 16.89 -13.95 3.15
C LYS C 127 15.97 -13.48 2.03
N TYR C 128 16.45 -12.49 1.27
CA TYR C 128 15.84 -12.05 0.03
C TYR C 128 16.76 -12.38 -1.15
N GLU C 129 16.17 -12.91 -2.20
CA GLU C 129 16.85 -13.04 -3.48
C GLU C 129 16.13 -12.12 -4.46
N LEU C 130 16.83 -11.10 -4.95
CA LEU C 130 16.26 -10.12 -5.86
C LEU C 130 16.69 -10.42 -7.28
N LYS C 131 15.74 -10.35 -8.20
CA LYS C 131 16.00 -10.42 -9.64
C LYS C 131 15.29 -9.23 -10.29
N LEU C 132 16.06 -8.26 -10.76
CA LEU C 132 15.56 -7.00 -11.30
C LEU C 132 15.78 -6.91 -12.80
N THR C 133 14.83 -6.30 -13.49
CA THR C 133 14.87 -6.21 -14.95
C THR C 133 15.28 -4.84 -15.46
N LYS C 134 14.91 -3.77 -14.76
CA LYS C 134 15.36 -2.43 -15.12
C LYS C 134 15.03 -2.09 -16.57
#